data_4RFP
#
_entry.id   4RFP
#
_cell.length_a   72.177
_cell.length_b   85.712
_cell.length_c   38.888
_cell.angle_alpha   90.00
_cell.angle_beta   90.00
_cell.angle_gamma   90.00
#
_symmetry.space_group_name_H-M   'P 21 21 2'
#
loop_
_entity.id
_entity.type
_entity.pdbx_description
1 polymer 'Acidic phospholipase A2 5'
2 non-polymer DI(HYDROXYETHYL)ETHER
3 water water
#
_entity_poly.entity_id   1
_entity_poly.type   'polypeptide(L)'
_entity_poly.pdbx_seq_one_letter_code
;NLMQFELLIMKVAGRSGIVWYSDYGCFCGKGGHGRPQDATDRCCFVHDCCYGKVNGCDPKEDFYRYSSNNGDIVCEANNP
CTKEICECDKAAAICFRDNKDTYDNKYWNIPMESCQESEPC
;
_entity_poly.pdbx_strand_id   A,B
#
# COMPACT_ATOMS: atom_id res chain seq x y z
N ASN A 1 3.43 4.23 -11.58
CA ASN A 1 2.72 3.15 -10.82
C ASN A 1 3.41 2.96 -9.48
N LEU A 2 2.70 2.39 -8.50
CA LEU A 2 3.17 2.48 -7.13
C LEU A 2 4.41 1.64 -6.89
N MET A 3 4.69 0.69 -7.78
CA MET A 3 5.95 -0.01 -7.74
C MET A 3 7.09 0.94 -8.07
N GLN A 4 6.85 1.88 -8.98
CA GLN A 4 7.87 2.86 -9.32
C GLN A 4 8.08 3.80 -8.16
N PHE A 5 7.01 4.15 -7.47
CA PHE A 5 7.11 4.98 -6.27
C PHE A 5 8.03 4.29 -5.26
N GLU A 6 7.80 3.01 -5.02
CA GLU A 6 8.67 2.22 -4.13
C GLU A 6 10.13 2.33 -4.54
N LEU A 7 10.39 2.17 -5.82
CA LEU A 7 11.76 2.26 -6.34
C LEU A 7 12.36 3.62 -6.11
N LEU A 8 11.58 4.69 -6.32
CA LEU A 8 12.07 6.04 -6.06
C LEU A 8 12.36 6.28 -4.58
N ILE A 9 11.50 5.77 -3.70
CA ILE A 9 11.75 5.88 -2.28
C ILE A 9 13.08 5.21 -1.94
N MET A 10 13.29 4.02 -2.47
CA MET A 10 14.57 3.35 -2.24
C MET A 10 15.77 4.13 -2.76
N LYS A 11 15.68 4.63 -3.98
CA LYS A 11 16.79 5.38 -4.58
C LYS A 11 17.09 6.67 -3.83
N VAL A 12 16.04 7.36 -3.40
CA VAL A 12 16.21 8.70 -2.85
C VAL A 12 16.43 8.65 -1.36
N ALA A 13 15.59 7.91 -0.65
CA ALA A 13 15.59 7.90 0.81
C ALA A 13 16.47 6.80 1.40
N GLY A 14 16.92 5.86 0.57
CA GLY A 14 17.77 4.76 1.05
C GLY A 14 17.08 3.72 1.91
N ARG A 15 15.75 3.67 1.84
CA ARG A 15 14.97 2.69 2.58
C ARG A 15 13.70 2.37 1.79
N SER A 16 13.11 1.23 2.12
CA SER A 16 11.93 0.74 1.44
C SER A 16 10.67 1.46 1.90
N GLY A 17 9.88 1.93 0.95
CA GLY A 17 8.58 2.51 1.25
C GLY A 17 7.60 1.48 1.79
N ILE A 18 7.54 0.32 1.17
CA ILE A 18 6.65 -0.72 1.62
C ILE A 18 7.00 -1.19 3.04
N VAL A 19 8.29 -1.27 3.36
CA VAL A 19 8.70 -1.76 4.67
C VAL A 19 8.40 -0.71 5.75
N TRP A 20 8.77 0.55 5.48
CA TRP A 20 8.83 1.56 6.54
C TRP A 20 7.72 2.60 6.51
N TYR A 21 7.06 2.77 5.38
CA TYR A 21 6.10 3.87 5.22
C TYR A 21 4.73 3.36 4.83
N SER A 22 4.39 2.16 5.24
CA SER A 22 3.13 1.55 4.84
C SER A 22 2.10 1.52 5.97
N ASP A 23 2.46 1.95 7.18
CA ASP A 23 1.52 1.98 8.28
C ASP A 23 1.86 3.08 9.27
N TYR A 24 2.07 4.27 8.73
CA TYR A 24 2.64 5.38 9.49
C TYR A 24 1.70 6.55 9.49
N GLY A 25 1.37 7.02 10.69
CA GLY A 25 0.50 8.16 10.83
C GLY A 25 -0.88 7.94 10.28
N CYS A 26 -1.51 9.04 9.84
CA CYS A 26 -2.83 8.99 9.25
C CYS A 26 -2.85 8.79 7.76
N PHE A 27 -1.71 9.00 7.08
CA PHE A 27 -1.70 9.02 5.62
C PHE A 27 -0.71 8.10 4.93
N CYS A 28 0.31 7.63 5.64
CA CYS A 28 1.30 6.72 5.01
C CYS A 28 0.81 5.28 5.13
N GLY A 29 0.03 4.88 4.14
CA GLY A 29 -0.58 3.55 4.10
C GLY A 29 -1.97 3.68 3.50
N LYS A 30 -2.70 2.58 3.51
CA LYS A 30 -4.04 2.55 2.91
C LYS A 30 -5.05 3.35 3.71
N GLY A 31 -6.01 3.94 2.99
CA GLY A 31 -7.20 4.52 3.60
C GLY A 31 -6.92 5.80 4.38
N GLY A 32 -5.96 6.57 3.92
CA GLY A 32 -5.52 7.77 4.60
C GLY A 32 -6.65 8.77 4.76
N HIS A 33 -6.79 9.27 5.98
CA HIS A 33 -7.76 10.31 6.30
C HIS A 33 -7.35 10.89 7.63
N GLY A 34 -7.88 12.07 7.97
CA GLY A 34 -7.52 12.72 9.22
C GLY A 34 -6.57 13.88 9.01
N ARG A 35 -5.73 14.12 10.00
CA ARG A 35 -4.74 15.21 9.95
C ARG A 35 -3.36 14.61 10.03
N PRO A 36 -2.43 15.10 9.19
CA PRO A 36 -1.09 14.56 9.28
C PRO A 36 -0.48 14.75 10.68
N GLN A 37 0.17 13.71 11.16
CA GLN A 37 0.67 13.67 12.53
C GLN A 37 2.07 14.25 12.71
N ASP A 38 2.86 14.23 11.64
CA ASP A 38 4.23 14.72 11.69
C ASP A 38 4.69 14.97 10.27
N ALA A 39 5.97 15.29 10.09
CA ALA A 39 6.47 15.66 8.79
C ALA A 39 6.37 14.53 7.79
N THR A 40 6.77 13.33 8.22
CA THR A 40 6.69 12.15 7.38
C THR A 40 5.26 11.90 6.92
N ASP A 41 4.31 12.00 7.82
CA ASP A 41 2.94 11.80 7.51
C ASP A 41 2.46 12.84 6.50
N ARG A 42 2.88 14.10 6.68
CA ARG A 42 2.53 15.15 5.75
C ARG A 42 3.08 14.90 4.35
N CYS A 43 4.23 14.27 4.26
CA CYS A 43 4.76 13.89 2.97
C CYS A 43 3.73 13.04 2.22
N CYS A 44 3.12 12.10 2.93
CA CYS A 44 2.12 11.20 2.35
C CYS A 44 0.84 11.93 2.00
N PHE A 45 0.41 12.84 2.87
CA PHE A 45 -0.75 13.67 2.60
C PHE A 45 -0.56 14.49 1.32
N VAL A 46 0.61 15.12 1.20
CA VAL A 46 0.91 15.93 0.03
C VAL A 46 0.94 15.04 -1.20
N HIS A 47 1.49 13.84 -1.06
CA HIS A 47 1.51 12.91 -2.17
C HIS A 47 0.10 12.56 -2.66
N ASP A 48 -0.82 12.29 -1.72
CA ASP A 48 -2.22 12.00 -2.06
C ASP A 48 -2.82 13.18 -2.79
N CYS A 49 -2.59 14.37 -2.26
CA CYS A 49 -3.10 15.59 -2.87
C CYS A 49 -2.54 15.82 -4.27
N CYS A 50 -1.25 15.54 -4.43
CA CYS A 50 -0.58 15.67 -5.71
C CYS A 50 -1.25 14.74 -6.73
N TYR A 51 -1.47 13.51 -6.34
CA TYR A 51 -2.17 12.55 -7.19
C TYR A 51 -3.56 13.03 -7.57
N GLY A 52 -4.27 13.65 -6.64
CA GLY A 52 -5.61 14.16 -6.92
C GLY A 52 -5.66 15.27 -7.96
N LYS A 53 -4.54 15.94 -8.17
CA LYS A 53 -4.43 17.01 -9.16
C LYS A 53 -4.03 16.52 -10.55
N VAL A 54 -3.69 15.24 -10.68
CA VAL A 54 -3.31 14.70 -11.97
C VAL A 54 -4.56 14.38 -12.76
N ASN A 55 -4.68 15.02 -13.92
CA ASN A 55 -5.82 14.80 -14.81
C ASN A 55 -5.39 14.18 -16.11
N GLY A 56 -6.11 13.14 -16.54
CA GLY A 56 -5.99 12.58 -17.87
C GLY A 56 -5.24 11.29 -17.89
N CYS A 57 -4.70 10.91 -16.74
CA CYS A 57 -4.07 9.61 -16.57
C CYS A 57 -4.28 9.16 -15.14
N ASP A 58 -3.92 7.93 -14.85
CA ASP A 58 -4.20 7.31 -13.57
C ASP A 58 -2.93 7.22 -12.75
N PRO A 59 -2.78 8.09 -11.75
CA PRO A 59 -1.49 8.14 -11.07
C PRO A 59 -1.15 6.89 -10.27
N LYS A 60 -2.14 6.11 -9.87
CA LYS A 60 -1.87 4.90 -9.08
C LYS A 60 -1.60 3.72 -9.97
N GLU A 61 -1.88 3.84 -11.27
CA GLU A 61 -1.74 2.74 -12.20
C GLU A 61 -0.73 2.97 -13.30
N ASP A 62 -0.74 4.16 -13.91
CA ASP A 62 0.11 4.43 -15.06
C ASP A 62 1.59 4.45 -14.75
N PHE A 63 2.37 3.90 -15.66
CA PHE A 63 3.81 3.93 -15.54
C PHE A 63 4.40 5.15 -16.20
N TYR A 64 5.43 5.68 -15.57
CA TYR A 64 6.17 6.82 -16.08
C TYR A 64 7.61 6.45 -16.36
N ARG A 65 8.29 7.33 -17.08
CA ARG A 65 9.67 7.15 -17.44
C ARG A 65 10.54 8.09 -16.65
N TYR A 66 11.64 7.57 -16.16
CA TYR A 66 12.57 8.42 -15.43
C TYR A 66 13.97 7.83 -15.53
N SER A 67 14.94 8.67 -15.19
CA SER A 67 16.31 8.23 -14.97
C SER A 67 16.71 8.51 -13.53
N SER A 68 17.66 7.73 -13.00
CA SER A 68 18.22 7.97 -11.68
C SER A 68 19.73 8.03 -11.76
N ASN A 69 20.31 9.08 -11.19
CA ASN A 69 21.75 9.27 -11.18
C ASN A 69 22.21 9.50 -9.77
N ASN A 70 22.75 8.46 -9.17
CA ASN A 70 23.33 8.53 -7.84
C ASN A 70 22.33 9.09 -6.81
N GLY A 71 21.06 8.70 -6.96
CA GLY A 71 19.99 9.16 -6.07
C GLY A 71 19.26 10.41 -6.54
N ASP A 72 19.61 10.91 -7.73
CA ASP A 72 18.93 12.07 -8.32
C ASP A 72 18.00 11.65 -9.46
N ILE A 73 16.72 11.90 -9.27
CA ILE A 73 15.70 11.43 -10.19
C ILE A 73 15.38 12.50 -11.22
N VAL A 74 15.39 12.12 -12.50
CA VAL A 74 14.93 13.01 -13.55
C VAL A 74 13.71 12.39 -14.21
N CYS A 75 12.58 13.04 -14.01
CA CYS A 75 11.34 12.61 -14.64
C CYS A 75 11.33 13.06 -16.08
N GLU A 76 11.24 12.09 -16.99
CA GLU A 76 11.33 12.36 -18.41
C GLU A 76 10.10 13.09 -18.90
N ALA A 77 10.31 14.01 -19.83
CA ALA A 77 9.20 14.79 -20.39
C ALA A 77 8.63 14.16 -21.68
N ASN A 78 8.40 12.86 -21.65
CA ASN A 78 7.82 12.14 -22.79
C ASN A 78 6.30 12.28 -22.89
N ASN A 79 5.69 12.69 -21.79
CA ASN A 79 4.26 12.72 -21.64
C ASN A 79 4.02 13.57 -20.42
N PRO A 80 3.32 14.70 -20.57
CA PRO A 80 3.21 15.59 -19.42
C PRO A 80 2.39 15.00 -18.27
N CYS A 81 1.45 14.12 -18.58
CA CYS A 81 0.62 13.54 -17.54
C CYS A 81 1.41 12.54 -16.70
N THR A 82 2.10 11.62 -17.36
CA THR A 82 2.89 10.69 -16.58
C THR A 82 4.10 11.34 -15.93
N LYS A 83 4.63 12.41 -16.52
CA LYS A 83 5.67 13.19 -15.86
C LYS A 83 5.12 13.75 -14.56
N GLU A 84 3.88 14.25 -14.58
CA GLU A 84 3.28 14.74 -13.33
C GLU A 84 3.21 13.68 -12.25
N ILE A 85 2.86 12.45 -12.62
CA ILE A 85 2.85 11.37 -11.63
C ILE A 85 4.25 11.18 -11.04
N CYS A 86 5.24 11.09 -11.93
CA CYS A 86 6.63 10.93 -11.54
C CYS A 86 7.05 12.03 -10.59
N GLU A 87 6.68 13.27 -10.90
CA GLU A 87 7.08 14.40 -10.04
C GLU A 87 6.45 14.30 -8.65
N CYS A 88 5.21 13.83 -8.61
CA CYS A 88 4.57 13.52 -7.33
C CYS A 88 5.37 12.52 -6.53
N ASP A 89 5.75 11.43 -7.18
CA ASP A 89 6.46 10.38 -6.47
C ASP A 89 7.85 10.84 -6.05
N LYS A 90 8.56 11.52 -6.94
CA LYS A 90 9.88 12.08 -6.67
C LYS A 90 9.81 13.03 -5.47
N ALA A 91 8.83 13.91 -5.47
CA ALA A 91 8.71 14.87 -4.38
C ALA A 91 8.51 14.16 -3.03
N ALA A 92 7.66 13.14 -3.03
CA ALA A 92 7.40 12.41 -1.80
C ALA A 92 8.63 11.67 -1.33
N ALA A 93 9.37 11.06 -2.26
CA ALA A 93 10.59 10.37 -1.90
C ALA A 93 11.61 11.30 -1.28
N ILE A 94 11.76 12.48 -1.89
CA ILE A 94 12.64 13.51 -1.38
C ILE A 94 12.17 13.96 0.02
N CYS A 95 10.86 14.13 0.19
CA CYS A 95 10.32 14.55 1.47
C CYS A 95 10.62 13.51 2.56
N PHE A 96 10.46 12.22 2.23
CA PHE A 96 10.79 11.19 3.23
C PHE A 96 12.26 11.31 3.65
N ARG A 97 13.15 11.43 2.66
CA ARG A 97 14.58 11.58 2.88
C ARG A 97 14.87 12.80 3.74
N ASP A 98 14.31 13.93 3.35
CA ASP A 98 14.58 15.18 4.07
C ASP A 98 14.10 15.17 5.52
N ASN A 99 13.09 14.35 5.84
CA ASN A 99 12.55 14.28 7.18
C ASN A 99 12.93 13.02 7.97
N LYS A 100 13.98 12.35 7.53
CA LYS A 100 14.36 11.11 8.15
C LYS A 100 14.67 11.26 9.65
N ASP A 101 15.15 12.44 10.05
CA ASP A 101 15.47 12.71 11.46
C ASP A 101 14.29 12.68 12.41
N THR A 102 13.05 12.88 11.92
CA THR A 102 11.91 12.83 12.82
C THR A 102 11.01 11.63 12.57
N TYR A 103 11.45 10.71 11.74
CA TYR A 103 10.73 9.46 11.59
C TYR A 103 10.64 8.81 12.98
N ASP A 104 9.44 8.42 13.39
CA ASP A 104 9.24 7.95 14.76
C ASP A 104 8.18 6.85 14.81
N ASN A 105 8.54 5.70 15.36
CA ASN A 105 7.61 4.59 15.53
C ASN A 105 6.43 4.94 16.43
N LYS A 106 6.52 6.07 17.12
CA LYS A 106 5.36 6.64 17.80
C LYS A 106 4.12 6.67 16.89
N TYR A 107 4.35 6.82 15.59
CA TYR A 107 3.26 6.92 14.64
C TYR A 107 2.93 5.65 13.88
N TRP A 108 3.53 4.53 14.27
CA TRP A 108 3.13 3.24 13.70
C TRP A 108 1.77 2.78 14.21
N ASN A 109 0.93 2.30 13.29
CA ASN A 109 -0.28 1.58 13.66
C ASN A 109 -1.11 2.34 14.67
N ILE A 110 -1.37 3.61 14.40
CA ILE A 110 -2.03 4.43 15.40
C ILE A 110 -3.52 4.12 15.44
N PRO A 111 -4.16 4.37 16.58
CA PRO A 111 -5.57 4.02 16.72
C PRO A 111 -6.44 4.76 15.71
N MET A 112 -7.54 4.10 15.32
CA MET A 112 -8.53 4.71 14.42
C MET A 112 -8.97 6.07 14.92
N GLU A 113 -9.09 6.19 16.24
CA GLU A 113 -9.55 7.43 16.88
C GLU A 113 -8.62 8.62 16.64
N SER A 114 -7.38 8.35 16.27
CA SER A 114 -6.40 9.41 15.99
C SER A 114 -6.58 10.02 14.60
N CYS A 115 -7.30 9.34 13.72
CA CYS A 115 -7.49 9.80 12.34
C CYS A 115 -8.97 9.89 12.04
N GLN A 116 -9.52 11.09 12.13
CA GLN A 116 -10.94 11.28 11.93
C GLN A 116 -11.19 12.23 10.74
N GLU A 117 -11.79 13.39 10.98
CA GLU A 117 -12.11 14.30 9.91
C GLU A 117 -10.83 14.79 9.22
N SER A 118 -10.86 14.80 7.90
CA SER A 118 -9.66 15.07 7.11
C SER A 118 -9.34 16.53 6.89
N GLU A 119 -8.07 16.86 7.04
CA GLU A 119 -7.60 18.12 6.49
C GLU A 119 -7.81 18.12 4.98
N PRO A 120 -8.46 19.13 4.43
CA PRO A 120 -8.61 19.22 2.98
C PRO A 120 -7.27 19.43 2.31
N CYS A 121 -7.13 18.95 1.07
CA CYS A 121 -5.95 19.31 0.27
C CYS A 121 -5.81 20.82 0.13
N ASN B 1 5.59 -8.93 7.23
CA ASN B 1 5.74 -7.47 6.80
C ASN B 1 5.16 -7.32 5.38
N LEU B 2 4.61 -6.15 5.04
CA LEU B 2 3.93 -5.99 3.75
C LEU B 2 4.84 -6.25 2.53
N MET B 3 6.14 -6.07 2.71
CA MET B 3 7.05 -6.48 1.67
C MET B 3 6.94 -7.99 1.43
N GLN B 4 6.79 -8.75 2.50
CA GLN B 4 6.68 -10.20 2.37
C GLN B 4 5.33 -10.56 1.74
N PHE B 5 4.27 -9.83 2.09
CA PHE B 5 2.98 -10.04 1.43
C PHE B 5 3.12 -9.88 -0.09
N GLU B 6 3.85 -8.88 -0.52
CA GLU B 6 4.12 -8.66 -1.93
C GLU B 6 4.80 -9.87 -2.55
N LEU B 7 5.78 -10.41 -1.85
CA LEU B 7 6.48 -11.60 -2.34
C LEU B 7 5.53 -12.80 -2.48
N LEU B 8 4.66 -12.99 -1.50
CA LEU B 8 3.71 -14.08 -1.54
C LEU B 8 2.73 -13.89 -2.70
N ILE B 9 2.25 -12.67 -2.89
CA ILE B 9 1.31 -12.40 -3.99
C ILE B 9 1.99 -12.69 -5.33
N MET B 10 3.19 -12.14 -5.49
CA MET B 10 3.95 -12.35 -6.71
C MET B 10 4.11 -13.82 -7.02
N LYS B 11 4.47 -14.62 -6.02
CA LYS B 11 4.71 -16.04 -6.29
C LYS B 11 3.42 -16.81 -6.50
N VAL B 12 2.45 -16.60 -5.61
CA VAL B 12 1.26 -17.43 -5.60
C VAL B 12 0.27 -17.04 -6.70
N ALA B 13 0.05 -15.74 -6.88
CA ALA B 13 -0.93 -15.25 -7.82
C ALA B 13 -0.33 -14.86 -9.16
N GLY B 14 1.00 -14.74 -9.25
CA GLY B 14 1.66 -14.46 -10.52
C GLY B 14 1.63 -13.03 -11.02
N ARG B 15 1.37 -12.09 -10.11
CA ARG B 15 1.38 -10.68 -10.45
C ARG B 15 1.63 -9.89 -9.18
N SER B 16 2.01 -8.65 -9.35
CA SER B 16 2.34 -7.78 -8.24
C SER B 16 1.11 -7.29 -7.50
N GLY B 17 1.12 -7.43 -6.18
CA GLY B 17 0.09 -6.81 -5.33
C GLY B 17 0.12 -5.28 -5.37
N ILE B 18 1.30 -4.71 -5.29
CA ILE B 18 1.42 -3.26 -5.30
C ILE B 18 0.98 -2.69 -6.64
N VAL B 19 1.32 -3.36 -7.74
CA VAL B 19 0.92 -2.86 -9.07
C VAL B 19 -0.60 -2.93 -9.25
N TRP B 20 -1.20 -4.08 -8.95
CA TRP B 20 -2.56 -4.35 -9.39
C TRP B 20 -3.62 -4.27 -8.31
N TYR B 21 -3.21 -4.31 -7.04
CA TYR B 21 -4.20 -4.34 -5.96
C TYR B 21 -4.10 -3.17 -4.99
N SER B 22 -3.58 -2.03 -5.45
CA SER B 22 -3.42 -0.86 -4.59
CA SER B 22 -3.42 -0.88 -4.56
C SER B 22 -4.56 0.14 -4.70
N ASP B 23 -5.48 -0.10 -5.62
CA ASP B 23 -6.61 0.81 -5.80
C ASP B 23 -7.84 0.10 -6.38
N TYR B 24 -8.18 -1.04 -5.78
CA TYR B 24 -9.22 -1.91 -6.30
C TYR B 24 -10.35 -2.11 -5.31
N GLY B 25 -11.56 -1.77 -5.73
CA GLY B 25 -12.73 -1.96 -4.90
C GLY B 25 -12.72 -1.05 -3.67
N CYS B 26 -13.39 -1.49 -2.63
CA CYS B 26 -13.42 -0.74 -1.35
C CYS B 26 -12.30 -1.07 -0.39
N PHE B 27 -11.58 -2.18 -0.63
CA PHE B 27 -10.63 -2.67 0.36
C PHE B 27 -9.21 -2.89 -0.10
N CYS B 28 -8.99 -3.03 -1.40
CA CYS B 28 -7.61 -3.28 -1.86
C CYS B 28 -6.90 -1.95 -2.03
N GLY B 29 -6.05 -1.65 -1.07
CA GLY B 29 -5.33 -0.38 -1.02
C GLY B 29 -6.17 0.76 -0.47
N LYS B 30 -7.29 0.44 0.17
CA LYS B 30 -8.22 1.44 0.73
C LYS B 30 -8.68 0.98 2.11
N GLY B 31 -9.91 0.49 2.24
CA GLY B 31 -10.36 -0.14 3.47
C GLY B 31 -10.89 0.82 4.51
N GLY B 32 -11.49 0.27 5.55
CA GLY B 32 -12.05 1.06 6.64
C GLY B 32 -13.55 1.23 6.50
N HIS B 33 -14.05 1.11 5.27
CA HIS B 33 -15.48 1.24 5.02
C HIS B 33 -15.87 0.66 3.67
N GLY B 34 -17.13 0.22 3.59
CA GLY B 34 -17.72 -0.28 2.37
C GLY B 34 -18.03 -1.75 2.46
N ARG B 35 -18.56 -2.27 1.38
CA ARG B 35 -18.79 -3.69 1.23
C ARG B 35 -17.92 -4.14 0.07
N PRO B 36 -17.39 -5.36 0.16
CA PRO B 36 -16.59 -5.83 -0.95
C PRO B 36 -17.37 -5.81 -2.25
N GLN B 37 -16.73 -5.33 -3.30
CA GLN B 37 -17.38 -5.11 -4.59
C GLN B 37 -17.39 -6.34 -5.48
N ASP B 38 -16.43 -7.23 -5.26
CA ASP B 38 -16.33 -8.48 -5.99
C ASP B 38 -15.44 -9.42 -5.21
N ALA B 39 -15.08 -10.55 -5.80
CA ALA B 39 -14.37 -11.55 -5.05
C ALA B 39 -12.96 -11.11 -4.71
N THR B 40 -12.28 -10.45 -5.64
CA THR B 40 -10.93 -9.90 -5.37
C THR B 40 -10.97 -8.92 -4.21
N ASP B 41 -11.95 -8.03 -4.22
CA ASP B 41 -12.09 -7.09 -3.14
C ASP B 41 -12.28 -7.79 -1.80
N ARG B 42 -13.12 -8.82 -1.80
CA ARG B 42 -13.37 -9.61 -0.60
C ARG B 42 -12.07 -10.21 -0.06
N CYS B 43 -11.15 -10.59 -0.95
CA CYS B 43 -9.84 -11.07 -0.50
C CYS B 43 -9.16 -10.06 0.42
N CYS B 44 -9.23 -8.80 0.01
CA CYS B 44 -8.64 -7.70 0.76
C CYS B 44 -9.37 -7.45 2.08
N PHE B 45 -10.69 -7.48 2.03
CA PHE B 45 -11.53 -7.38 3.23
C PHE B 45 -11.15 -8.43 4.27
N VAL B 46 -11.11 -9.69 3.82
CA VAL B 46 -10.74 -10.81 4.70
C VAL B 46 -9.33 -10.62 5.27
N HIS B 47 -8.40 -10.16 4.45
CA HIS B 47 -7.04 -9.90 4.90
C HIS B 47 -7.00 -8.84 6.00
N ASP B 48 -7.75 -7.77 5.83
CA ASP B 48 -7.87 -6.73 6.86
C ASP B 48 -8.41 -7.32 8.15
N CYS B 49 -9.48 -8.09 8.04
CA CYS B 49 -10.07 -8.75 9.20
C CYS B 49 -9.08 -9.69 9.88
N CYS B 50 -8.32 -10.41 9.07
CA CYS B 50 -7.33 -11.36 9.58
C CYS B 50 -6.27 -10.62 10.39
N TYR B 51 -5.77 -9.53 9.82
CA TYR B 51 -4.80 -8.70 10.52
C TYR B 51 -5.38 -8.15 11.81
N GLY B 52 -6.66 -7.82 11.77
CA GLY B 52 -7.37 -7.35 12.97
C GLY B 52 -7.40 -8.30 14.15
N LYS B 53 -7.29 -9.60 13.88
CA LYS B 53 -7.34 -10.60 14.92
C LYS B 53 -5.95 -10.90 15.49
N VAL B 54 -4.90 -10.34 14.90
CA VAL B 54 -3.55 -10.64 15.35
C VAL B 54 -3.28 -9.89 16.65
N ASN B 55 -2.99 -10.65 17.71
CA ASN B 55 -2.67 -10.06 19.00
C ASN B 55 -1.23 -10.38 19.38
N GLY B 56 -0.49 -9.37 19.81
CA GLY B 56 0.84 -9.57 20.36
C GLY B 56 2.02 -9.26 19.45
N CYS B 57 1.72 -8.92 18.21
CA CYS B 57 2.71 -8.55 17.23
C CYS B 57 2.03 -7.65 16.21
N ASP B 58 2.84 -7.00 15.38
CA ASP B 58 2.37 -5.99 14.45
C ASP B 58 2.31 -6.58 13.05
N PRO B 59 1.09 -6.86 12.55
CA PRO B 59 1.06 -7.60 11.29
C PRO B 59 1.55 -6.84 10.09
N LYS B 60 1.49 -5.51 10.10
CA LYS B 60 1.97 -4.76 8.96
C LYS B 60 3.48 -4.68 8.93
N GLU B 61 4.10 -4.68 10.10
CA GLU B 61 5.52 -4.43 10.25
C GLU B 61 6.38 -5.68 10.50
N ASP B 62 5.91 -6.60 11.33
CA ASP B 62 6.77 -7.69 11.74
C ASP B 62 7.02 -8.69 10.63
N PHE B 63 8.27 -9.14 10.56
CA PHE B 63 8.64 -10.13 9.60
C PHE B 63 8.36 -11.54 10.12
N TYR B 64 7.92 -12.41 9.21
CA TYR B 64 7.66 -13.81 9.51
C TYR B 64 8.62 -14.69 8.73
N ARG B 65 8.70 -15.94 9.17
CA ARG B 65 9.52 -16.93 8.49
C ARG B 65 8.65 -17.86 7.68
N TYR B 66 9.06 -18.09 6.44
CA TYR B 66 8.39 -19.08 5.59
C TYR B 66 9.38 -19.71 4.65
N SER B 67 9.01 -20.89 4.18
CA SER B 67 9.72 -21.53 3.11
C SER B 67 8.80 -21.58 1.91
N SER B 68 9.41 -21.79 0.75
CA SER B 68 8.67 -21.88 -0.49
C SER B 68 9.41 -22.84 -1.38
N ASN B 69 8.70 -23.87 -1.82
CA ASN B 69 9.24 -24.84 -2.76
C ASN B 69 8.17 -25.09 -3.79
N ASN B 70 8.54 -24.97 -5.07
CA ASN B 70 7.61 -25.16 -6.17
C ASN B 70 6.37 -24.29 -6.08
N GLY B 71 6.56 -23.08 -5.55
CA GLY B 71 5.45 -22.15 -5.46
C GLY B 71 4.56 -22.27 -4.25
N ASP B 72 4.84 -23.23 -3.37
CA ASP B 72 4.08 -23.36 -2.13
C ASP B 72 4.58 -22.32 -1.14
N ILE B 73 3.78 -22.06 -0.12
CA ILE B 73 4.18 -21.23 0.99
C ILE B 73 3.92 -22.02 2.24
N VAL B 74 4.97 -22.30 3.00
CA VAL B 74 4.83 -22.94 4.29
C VAL B 74 5.27 -21.96 5.37
N CYS B 75 4.30 -21.49 6.15
CA CYS B 75 4.59 -20.57 7.23
C CYS B 75 5.17 -21.36 8.39
N GLU B 76 6.36 -20.97 8.80
CA GLU B 76 7.10 -21.67 9.84
C GLU B 76 6.44 -21.47 11.20
N ALA B 77 6.47 -22.53 12.00
CA ALA B 77 5.93 -22.49 13.35
C ALA B 77 7.00 -22.11 14.39
N ASN B 78 7.76 -21.04 14.11
CA ASN B 78 8.81 -20.59 15.03
C ASN B 78 8.26 -19.59 16.06
N ASN B 79 7.06 -19.07 15.81
CA ASN B 79 6.47 -18.03 16.64
C ASN B 79 5.04 -17.97 16.22
N PRO B 80 4.10 -18.22 17.15
CA PRO B 80 2.71 -18.34 16.68
C PRO B 80 2.15 -17.03 16.15
N CYS B 81 2.62 -15.90 16.68
CA CYS B 81 2.12 -14.62 16.24
C CYS B 81 2.57 -14.29 14.83
N THR B 82 3.85 -14.46 14.54
CA THR B 82 4.29 -14.13 13.19
C THR B 82 3.80 -15.18 12.20
N LYS B 83 3.58 -16.43 12.65
CA LYS B 83 2.97 -17.44 11.79
C LYS B 83 1.56 -17.01 11.41
N GLU B 84 0.82 -16.43 12.36
CA GLU B 84 -0.53 -15.96 12.10
C GLU B 84 -0.51 -14.88 11.02
N ILE B 85 0.47 -13.98 11.07
CA ILE B 85 0.63 -12.93 10.03
C ILE B 85 0.85 -13.60 8.67
N CYS B 86 1.79 -14.54 8.66
CA CYS B 86 2.13 -15.26 7.46
C CYS B 86 0.87 -15.94 6.87
N GLU B 87 0.10 -16.58 7.73
CA GLU B 87 -1.09 -17.29 7.26
C GLU B 87 -2.12 -16.33 6.66
N CYS B 88 -2.26 -15.15 7.25
CA CYS B 88 -3.12 -14.12 6.68
C CYS B 88 -2.69 -13.75 5.28
N ASP B 89 -1.40 -13.50 5.12
CA ASP B 89 -0.85 -13.09 3.82
C ASP B 89 -0.96 -14.24 2.79
N LYS B 90 -0.69 -15.45 3.24
CA LYS B 90 -0.78 -16.62 2.39
C LYS B 90 -2.21 -16.80 1.90
N ALA B 91 -3.17 -16.72 2.83
CA ALA B 91 -4.56 -16.88 2.43
C ALA B 91 -4.96 -15.83 1.41
N ALA B 92 -4.53 -14.60 1.61
CA ALA B 92 -4.91 -13.54 0.68
C ALA B 92 -4.31 -13.74 -0.70
N ALA B 93 -3.06 -14.16 -0.73
CA ALA B 93 -2.38 -14.36 -2.00
C ALA B 93 -3.07 -15.48 -2.78
N ILE B 94 -3.47 -16.52 -2.06
CA ILE B 94 -4.24 -17.63 -2.63
C ILE B 94 -5.58 -17.13 -3.18
N CYS B 95 -6.26 -16.33 -2.39
CA CYS B 95 -7.52 -15.77 -2.80
C CYS B 95 -7.36 -14.92 -4.09
N PHE B 96 -6.32 -14.09 -4.16
CA PHE B 96 -6.08 -13.30 -5.35
C PHE B 96 -5.88 -14.23 -6.55
N ARG B 97 -5.05 -15.22 -6.37
CA ARG B 97 -4.83 -16.23 -7.40
C ARG B 97 -6.14 -16.87 -7.88
N ASP B 98 -6.95 -17.32 -6.93
CA ASP B 98 -8.17 -18.02 -7.25
C ASP B 98 -9.22 -17.16 -7.94
N ASN B 99 -9.08 -15.84 -7.82
CA ASN B 99 -10.03 -14.93 -8.43
C ASN B 99 -9.48 -14.06 -9.55
N LYS B 100 -8.29 -14.38 -10.03
CA LYS B 100 -7.62 -13.59 -11.03
C LYS B 100 -8.41 -13.49 -12.33
N ASP B 101 -9.21 -14.51 -12.66
CA ASP B 101 -9.94 -14.51 -13.94
C ASP B 101 -11.07 -13.50 -13.98
N THR B 102 -11.54 -13.04 -12.81
CA THR B 102 -12.61 -12.03 -12.75
C THR B 102 -12.13 -10.66 -12.33
N TYR B 103 -10.82 -10.53 -12.09
CA TYR B 103 -10.21 -9.23 -11.80
C TYR B 103 -10.63 -8.24 -12.91
N ASP B 104 -11.19 -7.10 -12.53
CA ASP B 104 -11.67 -6.17 -13.56
C ASP B 104 -11.51 -4.73 -13.18
N ASN B 105 -11.11 -3.94 -14.18
CA ASN B 105 -10.88 -2.51 -13.99
C ASN B 105 -12.13 -1.72 -13.67
N LYS B 106 -13.29 -2.35 -13.85
CA LYS B 106 -14.55 -1.81 -13.33
C LYS B 106 -14.38 -1.28 -11.91
N TYR B 107 -13.53 -1.95 -11.12
CA TYR B 107 -13.40 -1.63 -9.71
C TYR B 107 -12.18 -0.80 -9.34
N TRP B 108 -11.46 -0.31 -10.34
CA TRP B 108 -10.37 0.63 -10.12
C TRP B 108 -10.91 1.99 -9.71
N ASN B 109 -10.31 2.59 -8.68
CA ASN B 109 -10.55 3.99 -8.35
C ASN B 109 -12.03 4.29 -8.14
N ILE B 110 -12.72 3.45 -7.39
CA ILE B 110 -14.14 3.69 -7.27
C ILE B 110 -14.38 4.86 -6.31
N PRO B 111 -15.47 5.61 -6.53
CA PRO B 111 -15.80 6.77 -5.71
C PRO B 111 -16.07 6.38 -4.26
N MET B 112 -15.77 7.27 -3.33
CA MET B 112 -16.05 7.01 -1.90
C MET B 112 -17.52 6.69 -1.65
N GLU B 113 -18.40 7.27 -2.44
CA GLU B 113 -19.84 7.05 -2.31
C GLU B 113 -20.23 5.60 -2.52
N SER B 114 -19.36 4.83 -3.20
CA SER B 114 -19.59 3.40 -3.39
C SER B 114 -19.14 2.55 -2.20
N CYS B 115 -18.45 3.16 -1.25
CA CYS B 115 -17.89 2.44 -0.10
C CYS B 115 -18.32 3.06 1.23
N GLN B 116 -19.62 3.36 1.35
CA GLN B 116 -20.18 3.96 2.56
C GLN B 116 -20.88 2.97 3.46
N GLU B 117 -21.35 1.86 2.88
CA GLU B 117 -21.92 0.78 3.68
C GLU B 117 -20.85 0.22 4.60
N SER B 118 -21.28 -0.46 5.65
CA SER B 118 -20.38 -1.04 6.64
C SER B 118 -20.65 -2.51 6.80
N GLU B 119 -19.64 -3.33 6.51
CA GLU B 119 -19.75 -4.77 6.68
C GLU B 119 -18.79 -5.22 7.78
N PRO B 120 -19.32 -5.91 8.81
CA PRO B 120 -18.45 -6.39 9.88
C PRO B 120 -17.63 -7.61 9.45
N CYS B 121 -16.51 -7.84 10.13
CA CYS B 121 -15.70 -9.02 9.89
C CYS B 121 -16.44 -10.28 10.32
#